data_7XTM
#
_entry.id   7XTM
#
_cell.length_a   32.733
_cell.length_b   64.466
_cell.length_c   78.810
_cell.angle_alpha   90.000
_cell.angle_beta   95.092
_cell.angle_gamma   90.000
#
_symmetry.space_group_name_H-M   'P 1 21 1'
#
loop_
_entity.id
_entity.type
_entity.pdbx_description
1 polymer 'N-acetylglucosaminyltransferase IV'
2 non-polymer '2-(N-MORPHOLINO)-ETHANESULFONIC ACID'
3 non-polymer 1,2-ETHANEDIOL
4 water water
#
_entity_poly.entity_id   1
_entity_poly.type   'polypeptide(L)'
_entity_poly.pdbx_seq_one_letter_code
;MGSSHHHHHHSSGLVPRGSHMQSYFPHQNPPAQKITTTIEDYYQHSIQNAYEGIDFFWGKKPKKGDTLEFWYGRPLQIKR
VTFRSGNAEHITDQFYNTVVEVLPAFGDNNFTTILHFDEFGLADGDVEEEFSLVKAIRLRVNADSKYWVILSEIYIQTPD
EKKT
;
_entity_poly.pdbx_strand_id   A,B
#
# COMPACT_ATOMS: atom_id res chain seq x y z
N GLN A 22 27.49 17.14 -18.38
CA GLN A 22 27.15 15.73 -18.12
C GLN A 22 25.71 15.68 -17.55
N SER A 23 24.88 14.78 -18.07
CA SER A 23 23.53 14.53 -17.52
C SER A 23 23.63 13.70 -16.24
N TYR A 24 24.82 13.17 -15.94
CA TYR A 24 25.01 12.10 -14.92
C TYR A 24 26.48 12.00 -14.50
N PHE A 25 26.70 11.81 -13.20
CA PHE A 25 28.04 11.66 -12.57
C PHE A 25 28.10 10.33 -11.82
N PRO A 26 28.61 9.27 -12.46
CA PRO A 26 28.59 7.96 -11.82
C PRO A 26 29.53 7.91 -10.61
N HIS A 27 29.25 6.98 -9.72
CA HIS A 27 30.15 6.60 -8.59
C HIS A 27 29.97 5.12 -8.29
N GLN A 28 31.06 4.52 -7.82
CA GLN A 28 31.04 3.17 -7.21
C GLN A 28 30.61 3.37 -5.76
N ASN A 29 29.42 2.91 -5.45
CA ASN A 29 28.78 3.02 -4.12
C ASN A 29 28.85 1.65 -3.46
N PRO A 30 28.78 1.61 -2.13
CA PRO A 30 28.80 0.33 -1.39
C PRO A 30 27.72 -0.62 -1.89
N PRO A 31 27.97 -1.93 -2.08
CA PRO A 31 26.92 -2.80 -2.59
C PRO A 31 25.75 -2.74 -1.59
N ALA A 32 24.54 -2.62 -2.11
CA ALA A 32 23.28 -2.57 -1.35
C ALA A 32 22.64 -3.96 -1.44
N GLN A 33 22.03 -4.40 -0.35
CA GLN A 33 21.29 -5.67 -0.27
C GLN A 33 19.98 -5.48 -1.03
N LYS A 34 19.38 -4.31 -0.90
CA LYS A 34 18.06 -4.04 -1.50
C LYS A 34 18.00 -2.55 -1.79
N ILE A 35 17.37 -2.19 -2.89
CA ILE A 35 17.11 -0.78 -3.24
C ILE A 35 15.64 -0.74 -3.64
N THR A 36 14.84 0.01 -2.89
CA THR A 36 13.39 0.11 -3.13
C THR A 36 13.08 1.56 -3.51
N THR A 37 12.06 1.78 -4.32
CA THR A 37 11.45 3.11 -4.43
C THR A 37 9.95 2.94 -4.71
N THR A 38 9.17 3.86 -4.16
CA THR A 38 7.70 3.96 -4.44
C THR A 38 7.49 4.89 -5.62
N ILE A 39 8.54 5.49 -6.18
CA ILE A 39 8.41 6.40 -7.34
C ILE A 39 8.50 5.59 -8.62
N GLU A 40 7.49 5.70 -9.47
CA GLU A 40 7.58 5.08 -10.80
C GLU A 40 8.74 5.69 -11.57
N ASP A 41 9.58 4.86 -12.15
CA ASP A 41 10.71 5.39 -12.93
C ASP A 41 10.30 5.52 -14.39
N TYR A 42 11.24 6.07 -15.14
CA TYR A 42 11.15 6.22 -16.59
C TYR A 42 12.15 5.22 -17.16
N TYR A 43 11.83 4.72 -18.34
CA TYR A 43 12.61 3.71 -19.08
C TYR A 43 14.11 4.03 -19.02
N GLN A 44 14.89 3.03 -18.61
CA GLN A 44 16.38 3.01 -18.65
C GLN A 44 16.94 4.00 -17.62
N HIS A 45 16.12 4.53 -16.71
CA HIS A 45 16.52 5.56 -15.71
C HIS A 45 16.07 5.12 -14.31
N SER A 46 16.33 3.87 -13.97
CA SER A 46 15.93 3.30 -12.68
C SER A 46 16.82 3.83 -11.55
N ILE A 47 16.28 3.79 -10.36
CA ILE A 47 17.12 4.17 -9.18
C ILE A 47 18.30 3.22 -9.10
N GLN A 48 18.16 1.93 -9.39
CA GLN A 48 19.31 0.97 -9.32
C GLN A 48 20.35 1.42 -10.35
N ASN A 49 19.93 1.78 -11.56
CA ASN A 49 20.88 2.28 -12.59
C ASN A 49 21.70 3.44 -12.01
N ALA A 50 21.05 4.39 -11.33
CA ALA A 50 21.73 5.61 -10.87
C ALA A 50 22.67 5.18 -9.75
N TYR A 51 22.19 4.34 -8.82
CA TYR A 51 23.08 3.95 -7.69
C TYR A 51 24.31 3.18 -8.23
N GLU A 52 24.13 2.33 -9.22
CA GLU A 52 25.15 1.40 -9.75
C GLU A 52 26.05 2.06 -10.80
N GLY A 53 25.91 3.36 -11.11
CA GLY A 53 26.89 4.06 -11.97
C GLY A 53 26.52 3.99 -13.45
N ILE A 54 25.29 3.64 -13.81
CA ILE A 54 24.92 3.36 -15.22
C ILE A 54 24.38 4.63 -15.89
N ASP A 55 23.42 5.27 -15.25
CA ASP A 55 22.79 6.48 -15.83
C ASP A 55 21.92 7.12 -14.76
N PHE A 56 21.49 8.34 -15.01
CA PHE A 56 20.73 9.11 -14.01
C PHE A 56 19.38 8.44 -13.70
N PHE A 57 18.87 8.63 -12.49
CA PHE A 57 17.51 8.23 -12.11
C PHE A 57 16.53 9.27 -12.66
N TRP A 58 15.45 8.81 -13.30
CA TRP A 58 14.35 9.72 -13.69
C TRP A 58 13.05 9.09 -13.23
N GLY A 59 12.40 9.76 -12.27
CA GLY A 59 11.15 9.34 -11.64
C GLY A 59 10.02 10.26 -12.08
N LYS A 60 8.81 9.74 -12.05
CA LYS A 60 7.64 10.59 -12.21
C LYS A 60 7.42 11.44 -10.96
N LYS A 61 6.45 12.32 -10.96
CA LYS A 61 6.23 13.34 -9.93
C LYS A 61 6.22 12.70 -8.55
N PRO A 62 7.19 13.07 -7.68
CA PRO A 62 7.06 12.63 -6.31
C PRO A 62 5.80 13.05 -5.58
N LYS A 63 5.35 12.14 -4.74
CA LYS A 63 4.18 12.32 -3.86
C LYS A 63 4.61 12.30 -2.41
N LYS A 64 3.92 13.06 -1.57
CA LYS A 64 4.11 13.01 -0.12
C LYS A 64 4.16 11.54 0.31
N GLY A 65 5.17 11.18 1.09
CA GLY A 65 5.31 9.83 1.65
C GLY A 65 6.18 8.92 0.80
N ASP A 66 6.49 9.31 -0.43
CA ASP A 66 7.32 8.47 -1.33
C ASP A 66 8.66 8.26 -0.63
N THR A 67 9.24 7.10 -0.88
CA THR A 67 10.61 6.86 -0.35
C THR A 67 11.46 6.28 -1.46
N LEU A 68 12.76 6.37 -1.26
CA LEU A 68 13.79 5.69 -2.08
C LEU A 68 14.81 5.20 -1.07
N GLU A 69 14.98 3.89 -0.97
CA GLU A 69 15.72 3.33 0.17
C GLU A 69 16.84 2.44 -0.34
N PHE A 70 17.97 2.54 0.37
CA PHE A 70 19.17 1.69 0.17
C PHE A 70 19.42 0.93 1.47
N TRP A 71 19.31 -0.40 1.43
CA TRP A 71 19.48 -1.31 2.58
C TRP A 71 20.77 -2.07 2.41
N TYR A 72 21.55 -2.14 3.49
CA TYR A 72 22.83 -2.83 3.51
C TYR A 72 22.76 -4.09 4.36
N GLY A 73 23.46 -5.14 3.91
CA GLY A 73 23.36 -6.46 4.53
C GLY A 73 24.25 -6.58 5.77
N ARG A 74 25.15 -5.62 5.97
CA ARG A 74 26.05 -5.55 7.15
C ARG A 74 26.15 -4.07 7.55
N PRO A 75 26.50 -3.73 8.80
CA PRO A 75 26.71 -2.33 9.17
C PRO A 75 27.69 -1.66 8.19
N LEU A 76 27.31 -0.49 7.71
CA LEU A 76 28.06 0.23 6.65
C LEU A 76 28.57 1.54 7.21
N GLN A 77 29.89 1.67 7.30
CA GLN A 77 30.48 2.92 7.74
C GLN A 77 30.49 3.92 6.58
N ILE A 78 29.91 5.08 6.80
CA ILE A 78 29.84 6.14 5.76
C ILE A 78 30.49 7.41 6.29
N LYS A 79 30.98 8.22 5.38
CA LYS A 79 31.68 9.49 5.72
C LYS A 79 30.92 10.70 5.13
N ARG A 80 30.32 10.57 3.94
CA ARG A 80 29.63 11.72 3.36
C ARG A 80 28.56 11.09 2.49
N VAL A 81 27.50 11.82 2.31
CA VAL A 81 26.37 11.45 1.41
C VAL A 81 26.17 12.62 0.46
N THR A 82 25.92 12.27 -0.80
CA THR A 82 25.58 13.24 -1.84
C THR A 82 24.42 12.66 -2.67
N PHE A 83 23.32 13.37 -2.68
CA PHE A 83 22.22 13.18 -3.65
C PHE A 83 22.05 14.49 -4.43
N ARG A 84 22.42 14.46 -5.69
CA ARG A 84 22.25 15.62 -6.62
C ARG A 84 20.98 15.48 -7.45
N SER A 85 20.03 16.34 -7.18
CA SER A 85 18.78 16.27 -7.98
C SER A 85 18.82 17.32 -9.08
N GLY A 86 17.89 17.14 -10.02
CA GLY A 86 17.94 17.90 -11.27
C GLY A 86 19.07 17.44 -12.17
N ASN A 87 19.14 17.98 -13.37
CA ASN A 87 20.40 18.07 -14.14
C ASN A 87 20.31 19.28 -15.05
N ALA A 88 21.42 19.56 -15.73
CA ALA A 88 21.56 20.76 -16.57
C ALA A 88 20.40 20.86 -17.58
N GLU A 89 19.93 19.74 -18.11
CA GLU A 89 18.87 19.72 -19.16
C GLU A 89 17.46 19.81 -18.54
N HIS A 90 17.33 19.56 -17.26
CA HIS A 90 16.06 19.43 -16.52
C HIS A 90 16.22 20.03 -15.13
N ILE A 91 16.47 21.33 -15.06
CA ILE A 91 16.76 21.96 -13.75
C ILE A 91 15.55 21.92 -12.80
N THR A 92 14.34 21.83 -13.29
CA THR A 92 13.14 21.76 -12.42
C THR A 92 13.00 20.39 -11.74
N ASP A 93 13.59 19.35 -12.32
CA ASP A 93 13.33 17.95 -11.95
C ASP A 93 14.21 17.64 -10.72
N GLN A 94 13.85 18.27 -9.63
CA GLN A 94 14.58 18.13 -8.36
C GLN A 94 13.72 17.34 -7.36
N PHE A 95 14.37 16.91 -6.29
CA PHE A 95 13.70 16.50 -5.06
C PHE A 95 13.43 17.79 -4.31
N TYR A 96 12.17 18.14 -4.14
CA TYR A 96 11.75 19.28 -3.30
C TYR A 96 11.14 18.72 -2.03
N ASN A 97 11.35 19.47 -0.94
CA ASN A 97 10.66 19.13 0.33
C ASN A 97 10.95 17.66 0.62
N THR A 98 12.21 17.26 0.59
CA THR A 98 12.63 15.84 0.71
C THR A 98 13.82 15.78 1.64
N VAL A 99 13.80 14.78 2.49
CA VAL A 99 14.95 14.64 3.42
C VAL A 99 15.75 13.40 3.02
N VAL A 100 16.99 13.36 3.48
CA VAL A 100 17.89 12.17 3.51
C VAL A 100 17.92 11.74 4.95
N GLU A 101 17.59 10.48 5.17
CA GLU A 101 17.58 9.96 6.54
C GLU A 101 18.44 8.71 6.55
N VAL A 102 19.00 8.41 7.72
CA VAL A 102 19.69 7.11 7.86
C VAL A 102 19.04 6.29 8.98
N LEU A 103 19.17 4.99 8.87
CA LEU A 103 18.78 4.02 9.92
C LEU A 103 20.07 3.53 10.53
N PRO A 104 20.46 4.02 11.73
CA PRO A 104 21.69 3.53 12.35
C PRO A 104 21.68 2.00 12.52
N ALA A 105 22.84 1.39 12.34
CA ALA A 105 23.03 -0.06 12.54
C ALA A 105 22.61 -0.47 13.97
N PHE A 106 23.03 0.34 14.96
CA PHE A 106 22.77 0.06 16.41
C PHE A 106 21.79 1.10 16.97
N GLY A 107 20.52 0.70 17.04
CA GLY A 107 19.41 1.57 17.46
C GLY A 107 18.14 0.96 16.97
N ASP A 108 16.99 1.61 17.15
CA ASP A 108 15.70 0.96 16.83
C ASP A 108 15.32 1.21 15.37
N ASN A 109 14.13 0.78 14.99
CA ASN A 109 13.69 0.84 13.59
C ASN A 109 13.19 2.25 13.29
N ASN A 110 13.94 3.29 13.60
CA ASN A 110 13.54 4.67 13.22
C ASN A 110 14.70 5.32 12.47
N PHE A 111 14.38 5.85 11.31
CA PHE A 111 15.34 6.67 10.52
C PHE A 111 15.49 8.03 11.21
N THR A 112 16.63 8.65 11.03
CA THR A 112 16.93 10.02 11.51
C THR A 112 17.35 10.85 10.30
N THR A 113 16.79 12.05 10.20
CA THR A 113 17.10 13.01 9.12
C THR A 113 18.53 13.52 9.29
N ILE A 114 19.31 13.52 8.23
CA ILE A 114 20.71 14.06 8.27
C ILE A 114 20.85 15.24 7.31
N LEU A 115 20.04 15.32 6.25
CA LEU A 115 20.18 16.36 5.21
C LEU A 115 18.82 16.64 4.58
N HIS A 116 18.74 17.79 3.94
CA HIS A 116 17.57 18.25 3.15
CA HIS A 116 17.57 18.12 3.11
C HIS A 116 18.08 18.55 1.75
N PHE A 117 17.21 18.49 0.76
CA PHE A 117 17.57 19.00 -0.57
C PHE A 117 17.40 20.52 -0.51
N ASP A 118 18.48 21.19 -0.78
CA ASP A 118 18.63 22.64 -0.56
C ASP A 118 18.24 23.44 -1.77
N GLU A 119 18.58 24.74 -1.80
CA GLU A 119 18.07 25.66 -2.85
CA GLU A 119 18.10 25.68 -2.83
C GLU A 119 18.61 25.27 -4.23
N PHE A 120 19.64 24.42 -4.29
CA PHE A 120 20.26 23.92 -5.54
C PHE A 120 19.71 22.54 -5.89
N GLY A 121 18.79 22.00 -5.12
CA GLY A 121 18.32 20.61 -5.24
C GLY A 121 19.36 19.60 -4.88
N LEU A 122 20.31 20.01 -4.01
CA LEU A 122 21.43 19.14 -3.57
C LEU A 122 21.27 18.78 -2.10
N ALA A 123 21.43 17.50 -1.80
CA ALA A 123 21.58 17.00 -0.43
C ALA A 123 22.98 16.45 -0.31
N ASP A 124 23.82 17.21 0.36
CA ASP A 124 25.27 16.90 0.42
C ASP A 124 25.82 17.36 1.74
N GLY A 125 26.45 16.42 2.43
CA GLY A 125 27.24 16.76 3.63
C GLY A 125 27.97 15.60 4.23
N ASP A 126 28.92 16.00 5.10
CA ASP A 126 29.57 15.05 6.00
C ASP A 126 28.57 14.44 6.96
N VAL A 127 28.65 13.15 7.12
CA VAL A 127 27.80 12.45 8.11
C VAL A 127 28.45 12.56 9.48
N GLU A 128 27.70 13.02 10.47
CA GLU A 128 28.24 13.02 11.86
C GLU A 128 28.56 11.59 12.30
N GLU A 129 29.58 11.41 13.15
CA GLU A 129 30.00 10.06 13.59
C GLU A 129 28.85 9.26 14.20
N GLU A 130 27.96 9.89 14.98
CA GLU A 130 26.86 9.19 15.68
C GLU A 130 25.93 8.52 14.66
N PHE A 131 25.87 9.03 13.44
CA PHE A 131 24.89 8.57 12.42
C PHE A 131 25.60 7.83 11.30
N SER A 132 26.88 7.52 11.45
CA SER A 132 27.75 7.11 10.34
C SER A 132 27.82 5.60 10.17
N LEU A 133 27.28 4.81 11.11
CA LEU A 133 27.30 3.33 10.94
C LEU A 133 25.86 2.88 10.74
N VAL A 134 25.54 2.58 9.49
CA VAL A 134 24.13 2.50 9.07
C VAL A 134 23.75 1.10 8.63
N LYS A 135 22.45 0.85 8.72
CA LYS A 135 21.75 -0.28 8.09
C LYS A 135 21.08 0.18 6.80
N ALA A 136 20.70 1.43 6.71
CA ALA A 136 19.96 1.92 5.52
C ALA A 136 20.12 3.44 5.41
N ILE A 137 19.92 3.91 4.20
CA ILE A 137 19.90 5.33 3.80
C ILE A 137 18.67 5.49 2.95
N ARG A 138 17.94 6.54 3.17
CA ARG A 138 16.79 6.73 2.27
C ARG A 138 16.54 8.21 2.03
N LEU A 139 15.72 8.41 0.99
CA LEU A 139 15.12 9.73 0.75
C LEU A 139 13.65 9.57 1.15
N ARG A 140 13.10 10.56 1.83
CA ARG A 140 11.65 10.56 2.09
C ARG A 140 11.10 11.92 1.71
N VAL A 141 10.07 11.88 0.85
CA VAL A 141 9.43 13.06 0.26
C VAL A 141 8.30 13.53 1.17
N ASN A 142 8.29 14.80 1.52
CA ASN A 142 7.35 15.40 2.50
C ASN A 142 6.21 16.16 1.82
N ALA A 143 6.24 16.34 0.51
CA ALA A 143 5.15 17.04 -0.22
C ALA A 143 5.10 16.62 -1.67
N ASP A 144 3.91 16.71 -2.29
CA ASP A 144 3.80 16.44 -3.74
C ASP A 144 4.59 17.48 -4.53
N SER A 145 5.10 17.06 -5.66
CA SER A 145 5.78 17.93 -6.63
C SER A 145 4.98 17.99 -7.92
N LYS A 146 5.03 19.14 -8.59
CA LYS A 146 4.48 19.27 -9.94
C LYS A 146 5.51 18.84 -10.99
N TYR A 147 6.75 18.55 -10.62
CA TYR A 147 7.78 18.12 -11.60
C TYR A 147 8.16 16.65 -11.41
N TRP A 148 8.69 16.07 -12.49
CA TRP A 148 9.39 14.77 -12.40
C TRP A 148 10.64 14.99 -11.53
N VAL A 149 11.38 13.93 -11.33
CA VAL A 149 12.56 14.05 -10.46
C VAL A 149 13.72 13.33 -11.12
N ILE A 150 14.90 13.95 -10.98
CA ILE A 150 16.13 13.35 -11.51
C ILE A 150 17.13 13.29 -10.37
N LEU A 151 17.82 12.15 -10.31
CA LEU A 151 19.08 12.16 -9.51
C LEU A 151 20.17 12.02 -10.54
N SER A 152 21.06 12.99 -10.60
CA SER A 152 22.20 12.95 -11.53
C SER A 152 23.50 12.57 -10.81
N GLU A 153 23.46 12.39 -9.51
CA GLU A 153 24.65 12.00 -8.74
C GLU A 153 24.18 11.39 -7.42
N ILE A 154 24.66 10.19 -7.18
CA ILE A 154 24.47 9.53 -5.87
C ILE A 154 25.83 9.04 -5.42
N TYR A 155 26.34 9.54 -4.30
CA TYR A 155 27.71 9.22 -3.81
C TYR A 155 27.62 8.98 -2.31
N ILE A 156 27.70 7.71 -1.97
CA ILE A 156 27.74 7.27 -0.55
C ILE A 156 29.24 7.03 -0.31
N GLN A 157 29.92 8.03 0.23
CA GLN A 157 31.39 8.02 0.37
C GLN A 157 31.70 7.33 1.70
N THR A 158 32.58 6.33 1.66
CA THR A 158 33.05 5.59 2.85
C THR A 158 34.44 6.10 3.21
N PRO A 159 34.89 5.82 4.44
CA PRO A 159 36.22 6.25 4.86
C PRO A 159 37.33 5.51 4.09
N ASP A 160 37.01 4.39 3.44
CA ASP A 160 37.84 3.78 2.37
C ASP A 160 37.42 4.39 1.02
N GLN B 22 -16.28 -29.51 8.28
CA GLN B 22 -15.89 -28.43 7.31
C GLN B 22 -16.51 -27.10 7.76
N SER B 23 -15.70 -26.04 7.87
CA SER B 23 -16.10 -24.72 8.44
C SER B 23 -15.93 -23.55 7.45
N TYR B 24 -15.10 -23.68 6.39
CA TYR B 24 -14.94 -22.69 5.30
C TYR B 24 -15.60 -23.24 4.04
N PHE B 25 -16.38 -22.39 3.36
CA PHE B 25 -17.25 -22.77 2.23
C PHE B 25 -16.88 -21.97 0.98
N PRO B 26 -15.93 -22.45 0.15
CA PRO B 26 -15.40 -21.63 -0.94
C PRO B 26 -16.46 -21.46 -2.04
N HIS B 27 -16.34 -20.36 -2.77
CA HIS B 27 -17.14 -20.15 -4.01
C HIS B 27 -16.26 -19.53 -5.07
N GLN B 28 -16.61 -19.80 -6.32
CA GLN B 28 -16.06 -19.00 -7.44
C GLN B 28 -16.95 -17.76 -7.52
N ASN B 29 -16.35 -16.61 -7.29
CA ASN B 29 -17.04 -15.30 -7.27
C ASN B 29 -16.56 -14.53 -8.50
N PRO B 30 -17.35 -13.54 -8.99
CA PRO B 30 -16.94 -12.80 -10.16
C PRO B 30 -15.61 -12.11 -9.92
N PRO B 31 -14.76 -12.04 -10.96
CA PRO B 31 -13.44 -11.44 -10.79
C PRO B 31 -13.60 -9.98 -10.37
N ALA B 32 -12.85 -9.60 -9.34
CA ALA B 32 -12.86 -8.24 -8.79
C ALA B 32 -11.61 -7.51 -9.31
N GLN B 33 -11.77 -6.24 -9.65
CA GLN B 33 -10.69 -5.32 -10.04
C GLN B 33 -9.86 -5.02 -8.80
N LYS B 34 -10.51 -4.82 -7.65
CA LYS B 34 -9.80 -4.46 -6.40
C LYS B 34 -10.61 -5.02 -5.23
N ILE B 35 -9.91 -5.57 -4.24
CA ILE B 35 -10.51 -5.98 -2.95
C ILE B 35 -9.71 -5.26 -1.89
N THR B 36 -10.37 -4.38 -1.14
CA THR B 36 -9.76 -3.65 -0.02
C THR B 36 -10.44 -4.04 1.29
N THR B 37 -9.71 -3.99 2.40
CA THR B 37 -10.34 -3.85 3.73
C THR B 37 -9.42 -2.98 4.59
N THR B 38 -10.00 -2.27 5.53
CA THR B 38 -9.28 -1.52 6.59
C THR B 38 -9.04 -2.43 7.80
N ILE B 39 -9.50 -3.67 7.77
CA ILE B 39 -9.36 -4.64 8.89
C ILE B 39 -8.09 -5.45 8.66
N GLU B 40 -7.20 -5.43 9.66
CA GLU B 40 -5.98 -6.24 9.60
C GLU B 40 -6.36 -7.71 9.65
N ASP B 41 -5.68 -8.51 8.85
CA ASP B 41 -5.96 -9.97 8.77
C ASP B 41 -4.93 -10.76 9.58
N TYR B 42 -5.02 -12.08 9.46
CA TYR B 42 -4.24 -13.03 10.29
C TYR B 42 -3.73 -14.18 9.41
N TYR B 43 -2.41 -14.30 9.27
CA TYR B 43 -1.73 -15.30 8.41
C TYR B 43 -2.46 -15.36 7.04
N GLN B 44 -2.92 -16.54 6.65
CA GLN B 44 -3.38 -16.77 5.26
C GLN B 44 -4.85 -16.42 5.19
N HIS B 45 -5.44 -15.89 6.28
CA HIS B 45 -6.90 -15.62 6.34
C HIS B 45 -7.26 -14.23 5.80
N SER B 46 -6.80 -13.91 4.59
CA SER B 46 -6.99 -12.59 3.93
C SER B 46 -8.39 -12.49 3.31
N ILE B 47 -8.90 -11.27 3.15
CA ILE B 47 -10.20 -11.11 2.46
C ILE B 47 -10.05 -11.59 1.03
N GLN B 48 -8.90 -11.37 0.38
CA GLN B 48 -8.66 -11.86 -1.00
C GLN B 48 -8.77 -13.39 -1.02
N ASN B 49 -8.13 -14.09 -0.08
CA ASN B 49 -8.22 -15.57 -0.03
C ASN B 49 -9.68 -16.01 0.18
N ALA B 50 -10.44 -15.34 1.04
CA ALA B 50 -11.83 -15.74 1.32
C ALA B 50 -12.63 -15.52 0.03
N TYR B 51 -12.42 -14.38 -0.63
CA TYR B 51 -13.19 -14.09 -1.88
C TYR B 51 -12.83 -15.13 -2.96
N GLU B 52 -11.57 -15.47 -3.07
CA GLU B 52 -11.03 -16.31 -4.17
C GLU B 52 -11.17 -17.82 -3.89
N GLY B 53 -11.81 -18.26 -2.81
CA GLY B 53 -12.07 -19.69 -2.54
C GLY B 53 -10.92 -20.43 -1.83
N ILE B 54 -10.01 -19.73 -1.18
CA ILE B 54 -8.75 -20.34 -0.68
C ILE B 54 -8.81 -20.63 0.82
N ASP B 55 -9.27 -19.69 1.63
CA ASP B 55 -9.30 -19.90 3.08
C ASP B 55 -10.27 -18.88 3.61
N PHE B 56 -10.74 -19.10 4.83
CA PHE B 56 -11.69 -18.17 5.48
C PHE B 56 -10.95 -16.87 5.79
N PHE B 57 -11.65 -15.74 5.81
CA PHE B 57 -11.12 -14.45 6.29
C PHE B 57 -11.15 -14.40 7.81
N TRP B 58 -10.04 -13.98 8.43
CA TRP B 58 -10.00 -13.77 9.89
C TRP B 58 -9.37 -12.40 10.12
N GLY B 59 -10.18 -11.47 10.60
CA GLY B 59 -9.81 -10.07 10.80
C GLY B 59 -9.79 -9.76 12.28
N LYS B 60 -8.95 -8.79 12.65
CA LYS B 60 -8.88 -8.29 14.05
C LYS B 60 -10.18 -7.54 14.36
N LYS B 61 -10.34 -7.05 15.56
CA LYS B 61 -11.60 -6.49 16.08
C LYS B 61 -12.09 -5.39 15.15
N PRO B 62 -13.25 -5.56 14.47
CA PRO B 62 -13.77 -4.44 13.70
C PRO B 62 -13.99 -3.17 14.54
N LYS B 63 -13.70 -2.05 13.91
CA LYS B 63 -13.97 -0.70 14.45
C LYS B 63 -15.02 -0.03 13.59
N LYS B 64 -15.83 0.81 14.22
CA LYS B 64 -16.78 1.69 13.49
C LYS B 64 -16.01 2.31 12.33
N GLY B 65 -16.61 2.31 11.14
CA GLY B 65 -16.07 2.92 9.93
C GLY B 65 -15.30 1.89 9.11
N ASP B 66 -14.95 0.74 9.67
CA ASP B 66 -14.16 -0.24 8.89
C ASP B 66 -14.98 -0.65 7.68
N THR B 67 -14.28 -0.88 6.58
CA THR B 67 -14.97 -1.39 5.36
C THR B 67 -14.22 -2.61 4.85
N LEU B 68 -14.92 -3.34 4.00
CA LEU B 68 -14.36 -4.47 3.23
C LEU B 68 -15.04 -4.41 1.87
N GLU B 69 -14.30 -4.09 0.84
CA GLU B 69 -14.88 -3.62 -0.45
C GLU B 69 -14.42 -4.50 -1.59
N PHE B 70 -15.38 -4.82 -2.46
CA PHE B 70 -15.13 -5.53 -3.73
CA PHE B 70 -15.14 -5.53 -3.74
C PHE B 70 -15.52 -4.56 -4.86
N TRP B 71 -14.53 -4.16 -5.63
CA TRP B 71 -14.73 -3.27 -6.81
C TRP B 71 -14.61 -4.05 -8.10
N TYR B 72 -15.52 -3.80 -9.04
CA TYR B 72 -15.52 -4.50 -10.33
C TYR B 72 -15.18 -3.53 -11.46
N GLY B 73 -14.48 -4.02 -12.47
CA GLY B 73 -13.95 -3.23 -13.59
C GLY B 73 -14.99 -2.90 -14.63
N ARG B 74 -16.08 -3.67 -14.71
CA ARG B 74 -17.24 -3.46 -15.61
C ARG B 74 -18.52 -3.58 -14.76
N PRO B 75 -19.66 -3.02 -15.18
CA PRO B 75 -20.90 -3.29 -14.45
C PRO B 75 -21.13 -4.79 -14.30
N LEU B 76 -21.48 -5.21 -13.09
CA LEU B 76 -21.64 -6.64 -12.74
C LEU B 76 -23.08 -6.89 -12.35
N GLN B 77 -23.71 -7.82 -13.09
CA GLN B 77 -25.07 -8.23 -12.78
C GLN B 77 -25.02 -9.32 -11.72
N ILE B 78 -25.70 -9.08 -10.61
CA ILE B 78 -25.77 -10.02 -9.47
C ILE B 78 -27.22 -10.38 -9.18
N LYS B 79 -27.41 -11.53 -8.56
CA LYS B 79 -28.73 -12.08 -8.18
C LYS B 79 -28.88 -12.17 -6.66
N ARG B 80 -27.83 -12.60 -5.95
CA ARG B 80 -27.96 -12.81 -4.49
C ARG B 80 -26.58 -12.55 -3.91
N VAL B 81 -26.57 -12.11 -2.68
CA VAL B 81 -25.32 -11.90 -1.92
C VAL B 81 -25.41 -12.73 -0.66
N THR B 82 -24.28 -13.35 -0.31
CA THR B 82 -24.17 -14.13 0.93
C THR B 82 -22.83 -13.81 1.61
N PHE B 83 -22.89 -13.24 2.80
CA PHE B 83 -21.70 -13.11 3.69
C PHE B 83 -22.00 -13.83 4.97
N ARG B 84 -21.28 -14.92 5.21
CA ARG B 84 -21.49 -15.72 6.43
C ARG B 84 -20.36 -15.46 7.42
N SER B 85 -20.69 -14.84 8.56
CA SER B 85 -19.65 -14.51 9.57
C SER B 85 -19.69 -15.53 10.69
N GLY B 86 -18.61 -15.57 11.45
CA GLY B 86 -18.45 -16.65 12.43
C GLY B 86 -18.08 -17.93 11.72
N ASN B 87 -17.64 -18.91 12.49
CA ASN B 87 -17.66 -20.33 12.06
C ASN B 87 -17.91 -21.16 13.32
N ALA B 88 -18.05 -22.46 13.15
CA ALA B 88 -18.44 -23.38 14.23
C ALA B 88 -17.41 -23.33 15.37
N GLU B 89 -16.14 -23.07 15.04
CA GLU B 89 -15.02 -23.03 16.02
C GLU B 89 -14.92 -21.68 16.73
N HIS B 90 -15.53 -20.63 16.19
CA HIS B 90 -15.43 -19.22 16.66
C HIS B 90 -16.79 -18.54 16.47
N ILE B 91 -17.78 -18.94 17.25
CA ILE B 91 -19.17 -18.45 17.03
C ILE B 91 -19.24 -16.97 17.39
N THR B 92 -18.30 -16.45 18.17
CA THR B 92 -18.30 -15.03 18.60
C THR B 92 -17.79 -14.14 17.44
N ASP B 93 -17.05 -14.70 16.50
CA ASP B 93 -16.22 -13.93 15.55
C ASP B 93 -17.09 -13.55 14.34
N GLN B 94 -18.12 -12.77 14.64
CA GLN B 94 -19.13 -12.38 13.65
C GLN B 94 -18.88 -10.92 13.23
N PHE B 95 -19.53 -10.51 12.14
CA PHE B 95 -19.73 -9.09 11.85
C PHE B 95 -20.99 -8.70 12.61
N TYR B 96 -20.85 -7.86 13.60
CA TYR B 96 -21.98 -7.28 14.36
C TYR B 96 -22.19 -5.86 13.89
N ASN B 97 -23.43 -5.41 13.88
CA ASN B 97 -23.71 -3.97 13.60
C ASN B 97 -22.98 -3.57 12.31
N THR B 98 -23.13 -4.37 11.26
CA THR B 98 -22.43 -4.19 9.98
C THR B 98 -23.47 -4.33 8.88
N VAL B 99 -23.35 -3.49 7.86
CA VAL B 99 -24.28 -3.57 6.70
C VAL B 99 -23.51 -4.09 5.49
N VAL B 100 -24.25 -4.70 4.58
CA VAL B 100 -23.81 -4.95 3.19
C VAL B 100 -24.39 -3.84 2.34
N GLU B 101 -23.56 -3.17 1.57
CA GLU B 101 -24.05 -2.09 0.69
C GLU B 101 -23.59 -2.36 -0.74
N VAL B 102 -24.32 -1.82 -1.70
CA VAL B 102 -23.84 -1.86 -3.10
C VAL B 102 -23.71 -0.43 -3.60
N LEU B 103 -22.84 -0.28 -4.58
CA LEU B 103 -22.68 0.94 -5.39
C LEU B 103 -23.20 0.60 -6.77
N PRO B 104 -24.43 1.02 -7.12
CA PRO B 104 -24.94 0.75 -8.44
C PRO B 104 -23.99 1.33 -9.49
N ALA B 105 -23.78 0.58 -10.57
CA ALA B 105 -23.00 1.05 -11.74
C ALA B 105 -23.54 2.40 -12.24
N PHE B 106 -24.87 2.57 -12.28
CA PHE B 106 -25.56 3.79 -12.81
C PHE B 106 -26.23 4.51 -11.63
N GLY B 107 -25.54 5.54 -11.10
CA GLY B 107 -25.93 6.40 -9.97
C GLY B 107 -24.68 7.10 -9.43
N ASP B 108 -24.76 7.81 -8.32
CA ASP B 108 -23.61 8.61 -7.83
C ASP B 108 -22.73 7.76 -6.91
N ASN B 109 -21.73 8.39 -6.31
CA ASN B 109 -20.72 7.67 -5.51
C ASN B 109 -21.24 7.56 -4.09
N ASN B 110 -22.45 7.05 -3.93
CA ASN B 110 -23.08 6.70 -2.64
C ASN B 110 -23.50 5.24 -2.68
N PHE B 111 -23.02 4.45 -1.73
CA PHE B 111 -23.47 3.06 -1.51
C PHE B 111 -24.85 3.10 -0.87
N THR B 112 -25.66 2.09 -1.19
CA THR B 112 -26.96 1.85 -0.53
C THR B 112 -26.91 0.54 0.25
N THR B 113 -27.39 0.55 1.49
CA THR B 113 -27.53 -0.66 2.31
C THR B 113 -28.59 -1.58 1.71
N ILE B 114 -28.24 -2.86 1.52
CA ILE B 114 -29.19 -3.91 1.01
C ILE B 114 -29.41 -5.00 2.07
N LEU B 115 -28.47 -5.22 3.02
CA LEU B 115 -28.56 -6.30 4.04
C LEU B 115 -27.80 -5.91 5.30
N HIS B 116 -28.16 -6.57 6.38
CA HIS B 116 -27.56 -6.48 7.74
CA HIS B 116 -27.38 -6.47 7.64
C HIS B 116 -27.07 -7.88 8.13
N PHE B 117 -26.06 -7.99 8.99
CA PHE B 117 -25.71 -9.30 9.57
C PHE B 117 -26.72 -9.59 10.67
N ASP B 118 -27.40 -10.71 10.56
CA ASP B 118 -28.62 -10.98 11.35
C ASP B 118 -28.24 -11.67 12.66
N GLU B 119 -29.20 -12.27 13.34
CA GLU B 119 -28.99 -12.88 14.68
CA GLU B 119 -29.01 -12.89 14.67
C GLU B 119 -28.07 -14.10 14.57
N PHE B 120 -27.86 -14.62 13.37
CA PHE B 120 -26.94 -15.75 13.11
C PHE B 120 -25.59 -15.27 12.53
N GLY B 121 -25.35 -13.96 12.47
CA GLY B 121 -24.12 -13.40 11.87
C GLY B 121 -24.10 -13.62 10.38
N LEU B 122 -25.30 -13.74 9.78
CA LEU B 122 -25.40 -14.01 8.32
C LEU B 122 -26.00 -12.80 7.63
N ALA B 123 -25.42 -12.38 6.51
CA ALA B 123 -26.01 -11.39 5.62
C ALA B 123 -26.28 -12.11 4.32
N ASP B 124 -27.56 -12.39 4.03
CA ASP B 124 -27.89 -13.27 2.89
C ASP B 124 -29.24 -12.82 2.32
N GLY B 125 -29.25 -12.50 1.03
CA GLY B 125 -30.55 -12.18 0.41
C GLY B 125 -30.42 -12.03 -1.08
N ASP B 126 -31.59 -12.17 -1.73
CA ASP B 126 -31.76 -11.73 -3.12
C ASP B 126 -31.53 -10.23 -3.22
N VAL B 127 -30.93 -9.80 -4.32
CA VAL B 127 -30.75 -8.35 -4.58
C VAL B 127 -31.92 -7.83 -5.41
N GLU B 128 -32.50 -6.74 -4.95
CA GLU B 128 -33.61 -6.09 -5.69
C GLU B 128 -33.04 -5.56 -7.02
N GLU B 129 -33.84 -5.46 -8.07
CA GLU B 129 -33.34 -5.23 -9.46
C GLU B 129 -32.58 -3.91 -9.54
N GLU B 130 -33.02 -2.89 -8.81
CA GLU B 130 -32.40 -1.54 -8.86
C GLU B 130 -30.99 -1.55 -8.28
N PHE B 131 -30.63 -2.56 -7.50
CA PHE B 131 -29.29 -2.62 -6.85
C PHE B 131 -28.50 -3.77 -7.46
N SER B 132 -28.96 -4.36 -8.56
CA SER B 132 -28.48 -5.65 -9.09
C SER B 132 -27.38 -5.46 -10.14
N LEU B 133 -27.13 -4.25 -10.63
CA LEU B 133 -26.05 -4.00 -11.62
C LEU B 133 -25.10 -3.02 -10.96
N VAL B 134 -23.99 -3.55 -10.46
CA VAL B 134 -23.15 -2.86 -9.44
C VAL B 134 -21.78 -2.56 -10.02
N LYS B 135 -21.16 -1.53 -9.44
CA LYS B 135 -19.71 -1.23 -9.56
C LYS B 135 -19.00 -1.82 -8.35
N ALA B 136 -19.64 -1.85 -7.20
CA ALA B 136 -18.92 -2.31 -5.98
C ALA B 136 -19.91 -2.86 -4.96
N ILE B 137 -19.43 -3.75 -4.13
CA ILE B 137 -20.19 -4.36 -3.02
C ILE B 137 -19.30 -4.19 -1.81
N ARG B 138 -19.85 -3.79 -0.68
CA ARG B 138 -18.97 -3.65 0.49
C ARG B 138 -19.69 -4.02 1.77
N LEU B 139 -18.89 -4.32 2.78
CA LEU B 139 -19.35 -4.33 4.18
C LEU B 139 -18.90 -3.03 4.84
N ARG B 140 -19.74 -2.42 5.65
CA ARG B 140 -19.38 -1.20 6.39
C ARG B 140 -19.81 -1.42 7.85
N VAL B 141 -18.84 -1.29 8.76
CA VAL B 141 -19.03 -1.57 10.20
C VAL B 141 -19.52 -0.30 10.89
N ASN B 142 -20.60 -0.38 11.65
CA ASN B 142 -21.26 0.79 12.25
C ASN B 142 -20.95 0.88 13.75
N ALA B 143 -20.29 -0.14 14.33
CA ALA B 143 -19.90 -0.09 15.75
C ALA B 143 -18.63 -0.89 15.98
N ASP B 144 -17.84 -0.53 17.00
CA ASP B 144 -16.70 -1.36 17.46
C ASP B 144 -17.20 -2.71 18.00
N SER B 145 -16.40 -3.75 17.79
CA SER B 145 -16.66 -5.12 18.29
C SER B 145 -15.57 -5.52 19.29
N LYS B 146 -15.92 -6.37 20.26
CA LYS B 146 -14.94 -6.92 21.23
C LYS B 146 -14.38 -8.25 20.70
N TYR B 147 -14.84 -8.72 19.54
CA TYR B 147 -14.36 -9.99 18.96
C TYR B 147 -13.66 -9.75 17.63
N TRP B 148 -12.76 -10.66 17.25
CA TRP B 148 -12.20 -10.75 15.90
C TRP B 148 -13.37 -11.09 14.98
N VAL B 149 -13.11 -11.20 13.72
CA VAL B 149 -14.23 -11.44 12.77
C VAL B 149 -13.80 -12.49 11.75
N ILE B 150 -14.72 -13.42 11.48
CA ILE B 150 -14.48 -14.41 10.40
C ILE B 150 -15.56 -14.24 9.33
N LEU B 151 -15.11 -14.39 8.10
CA LEU B 151 -16.08 -14.71 7.02
C LEU B 151 -15.77 -16.14 6.58
N SER B 152 -16.70 -17.05 6.79
CA SER B 152 -16.54 -18.47 6.40
C SER B 152 -17.18 -18.76 5.04
N GLU B 153 -17.97 -17.82 4.48
CA GLU B 153 -18.62 -18.00 3.17
C GLU B 153 -18.86 -16.62 2.55
N ILE B 154 -18.36 -16.45 1.35
CA ILE B 154 -18.66 -15.24 0.56
C ILE B 154 -19.16 -15.71 -0.78
N TYR B 155 -20.41 -15.41 -1.14
CA TYR B 155 -20.99 -15.91 -2.38
C TYR B 155 -21.77 -14.79 -3.07
N ILE B 156 -21.15 -14.23 -4.08
CA ILE B 156 -21.80 -13.22 -4.95
C ILE B 156 -22.41 -14.02 -6.11
N GLN B 157 -23.71 -14.33 -6.06
CA GLN B 157 -24.39 -15.18 -7.07
CA GLN B 157 -24.37 -15.17 -7.08
C GLN B 157 -24.78 -14.27 -8.25
N THR B 158 -24.42 -14.72 -9.44
CA THR B 158 -24.77 -14.04 -10.70
C THR B 158 -25.56 -15.02 -11.53
N PRO B 159 -26.22 -14.50 -12.58
CA PRO B 159 -26.77 -15.36 -13.62
C PRO B 159 -25.73 -16.04 -14.53
N ASP B 160 -24.43 -15.72 -14.38
CA ASP B 160 -23.37 -15.92 -15.40
C ASP B 160 -22.24 -16.85 -14.90
N GLU B 161 -22.46 -17.58 -13.81
CA GLU B 161 -21.53 -18.64 -13.30
C GLU B 161 -21.57 -19.84 -14.25
#